data_6C9L
#
_entry.id   6C9L
#
_cell.length_a   34.780
_cell.length_b   178.490
_cell.length_c   43.410
_cell.angle_alpha   90.00
_cell.angle_beta   96.36
_cell.angle_gamma   90.00
#
_symmetry.space_group_name_H-M   'P 1 21 1'
#
loop_
_entity.id
_entity.type
_entity.pdbx_description
1 polymer 'Myocyte-specific enhancer factor 2B'
2 water water
#
_entity_poly.entity_id   1
_entity_poly.type   'polypeptide(L)'
_entity_poly.pdbx_seq_one_letter_code
;MGRKKIQISRILDQRNRQVTFTKRKFGLMKKAYELSVLCDCEIALIIFNSANRLFQYASTDMDRVLLKYTEYSEPHESRT
NTDILETLKRRGI
;
_entity_poly.pdbx_strand_id   A,B,C,D,E,F
#
# COMPACT_ATOMS: atom_id res chain seq x y z
N GLN A 7 -35.09 35.68 12.63
CA GLN A 7 -35.17 37.18 12.37
C GLN A 7 -34.24 37.70 11.26
N ILE A 8 -33.79 36.76 10.44
CA ILE A 8 -33.02 37.03 9.22
C ILE A 8 -33.91 36.96 7.95
N SER A 9 -33.70 37.89 7.03
CA SER A 9 -34.46 37.94 5.76
C SER A 9 -33.56 38.21 4.58
N ARG A 10 -34.11 38.21 3.38
CA ARG A 10 -33.37 38.37 2.14
C ARG A 10 -33.03 39.85 1.80
N ILE A 11 -31.78 40.09 1.43
CA ILE A 11 -31.28 41.43 1.15
C ILE A 11 -31.79 41.83 -0.24
N LEU A 12 -32.64 42.85 -0.29
CA LEU A 12 -33.24 43.26 -1.58
C LEU A 12 -32.32 44.10 -2.47
N ASP A 13 -31.54 45.02 -1.87
CA ASP A 13 -30.72 45.97 -2.60
C ASP A 13 -29.57 45.17 -3.20
N GLN A 14 -29.41 45.27 -4.52
CA GLN A 14 -28.44 44.44 -5.23
C GLN A 14 -26.98 44.74 -4.85
N ARG A 15 -26.67 46.00 -4.50
CA ARG A 15 -25.29 46.32 -4.13
C ARG A 15 -24.98 45.71 -2.75
N ASN A 16 -25.93 45.82 -1.84
CA ASN A 16 -25.74 45.32 -0.48
C ASN A 16 -25.83 43.77 -0.46
N ARG A 17 -26.59 43.18 -1.40
CA ARG A 17 -26.58 41.73 -1.59
C ARG A 17 -25.22 41.23 -2.06
N GLN A 18 -24.62 41.89 -3.04
CA GLN A 18 -23.35 41.39 -3.62
C GLN A 18 -22.19 41.53 -2.64
N VAL A 19 -22.10 42.64 -1.94
CA VAL A 19 -21.00 42.85 -1.00
C VAL A 19 -21.09 41.83 0.16
N THR A 20 -22.31 41.66 0.68
CA THR A 20 -22.58 40.69 1.73
C THR A 20 -22.30 39.26 1.24
N PHE A 21 -22.68 38.96 0.01
CA PHE A 21 -22.40 37.66 -0.58
C PHE A 21 -20.92 37.39 -0.66
N THR A 22 -20.15 38.32 -1.20
CA THR A 22 -18.71 38.17 -1.32
C THR A 22 -18.04 37.97 0.05
N LYS A 23 -18.38 38.85 1.02
CA LYS A 23 -17.83 38.75 2.36
C LYS A 23 -18.09 37.37 3.00
N ARG A 24 -19.36 36.93 2.92
CA ARG A 24 -19.76 35.68 3.54
C ARG A 24 -19.33 34.44 2.79
N LYS A 25 -19.24 34.51 1.47
CA LYS A 25 -18.71 33.41 0.66
C LYS A 25 -17.27 33.17 1.08
N PHE A 26 -16.48 34.25 1.17
CA PHE A 26 -15.12 34.11 1.59
C PHE A 26 -15.00 33.58 3.03
N GLY A 27 -15.82 34.11 3.93
CA GLY A 27 -15.92 33.61 5.30
C GLY A 27 -16.17 32.12 5.38
N LEU A 28 -17.10 31.63 4.56
CA LEU A 28 -17.42 30.21 4.49
C LEU A 28 -16.24 29.37 4.02
N MET A 29 -15.57 29.82 2.95
CA MET A 29 -14.39 29.14 2.45
C MET A 29 -13.24 29.15 3.46
N LYS A 30 -13.05 30.29 4.13
CA LYS A 30 -12.02 30.38 5.17
C LYS A 30 -12.28 29.36 6.29
N LYS A 31 -13.53 29.30 6.76
CA LYS A 31 -13.90 28.37 7.81
C LYS A 31 -13.83 26.92 7.38
N ALA A 32 -14.16 26.66 6.11
CA ALA A 32 -14.04 25.32 5.54
C ALA A 32 -12.58 24.91 5.50
N TYR A 33 -11.72 25.80 4.99
CA TYR A 33 -10.27 25.57 5.00
C TYR A 33 -9.78 25.21 6.40
N GLU A 34 -10.15 26.03 7.39
CA GLU A 34 -9.75 25.81 8.79
C GLU A 34 -10.20 24.48 9.35
N LEU A 35 -11.47 24.14 9.15
CA LEU A 35 -12.00 22.85 9.59
C LEU A 35 -11.24 21.68 8.94
N SER A 36 -10.95 21.81 7.64
CA SER A 36 -10.26 20.75 6.92
C SER A 36 -8.85 20.50 7.46
N VAL A 37 -8.13 21.58 7.83
CA VAL A 37 -6.76 21.41 8.30
C VAL A 37 -6.73 21.05 9.76
N LEU A 38 -7.57 21.70 10.56
CA LEU A 38 -7.62 21.46 12.02
C LEU A 38 -8.06 20.05 12.36
N CYS A 39 -9.10 19.58 11.69
CA CYS A 39 -9.77 18.31 12.05
C CYS A 39 -9.57 17.18 11.03
N ASP A 40 -8.69 17.38 10.02
CA ASP A 40 -8.42 16.35 9.00
C ASP A 40 -9.72 15.93 8.28
N CYS A 41 -10.42 16.91 7.72
CA CYS A 41 -11.65 16.70 6.96
C CYS A 41 -11.47 16.94 5.50
N GLU A 42 -12.36 16.36 4.71
CA GLU A 42 -12.48 16.66 3.31
C GLU A 42 -13.81 17.34 3.11
N ILE A 43 -13.79 18.53 2.52
CA ILE A 43 -14.95 19.39 2.43
C ILE A 43 -15.12 19.88 1.01
N ALA A 44 -16.35 19.84 0.53
CA ALA A 44 -16.73 20.50 -0.73
C ALA A 44 -17.88 21.48 -0.45
N LEU A 45 -17.83 22.61 -1.15
CA LEU A 45 -18.83 23.66 -1.03
C LEU A 45 -19.22 24.12 -2.42
N ILE A 46 -20.52 24.08 -2.70
CA ILE A 46 -21.06 24.52 -3.99
C ILE A 46 -22.04 25.65 -3.68
N ILE A 47 -21.83 26.80 -4.33
CA ILE A 47 -22.71 27.97 -4.15
C ILE A 47 -23.17 28.50 -5.49
N PHE A 48 -24.49 28.54 -5.68
CA PHE A 48 -25.09 29.30 -6.79
C PHE A 48 -25.63 30.60 -6.22
N ASN A 49 -25.14 31.74 -6.70
CA ASN A 49 -25.65 33.04 -6.22
C ASN A 49 -26.98 33.36 -6.89
N SER A 50 -27.58 34.51 -6.54
CA SER A 50 -28.90 34.86 -7.08
C SER A 50 -28.90 35.09 -8.59
N ALA A 51 -27.76 35.46 -9.16
CA ALA A 51 -27.59 35.55 -10.61
C ALA A 51 -27.21 34.20 -11.26
N ASN A 52 -27.33 33.10 -10.51
CA ASN A 52 -26.99 31.76 -10.99
C ASN A 52 -25.52 31.55 -11.36
N ARG A 53 -24.61 32.32 -10.80
CA ARG A 53 -23.19 32.10 -10.98
C ARG A 53 -22.74 31.01 -10.01
N LEU A 54 -21.93 30.09 -10.50
CA LEU A 54 -21.41 28.96 -9.71
C LEU A 54 -20.07 29.31 -9.06
N PHE A 55 -20.00 29.16 -7.75
CA PHE A 55 -18.76 29.29 -6.97
C PHE A 55 -18.52 27.98 -6.22
N GLN A 56 -17.29 27.48 -6.22
CA GLN A 56 -17.00 26.22 -5.56
C GLN A 56 -15.70 26.24 -4.79
N TYR A 57 -15.69 25.46 -3.72
CA TYR A 57 -14.51 25.19 -2.95
C TYR A 57 -14.42 23.69 -2.68
N ALA A 58 -13.21 23.14 -2.73
CA ALA A 58 -12.95 21.78 -2.24
C ALA A 58 -11.61 21.77 -1.53
N SER A 59 -11.53 21.11 -0.39
CA SER A 59 -10.29 21.13 0.41
C SER A 59 -9.15 20.46 -0.35
N THR A 60 -9.46 19.36 -1.02
CA THR A 60 -8.51 18.65 -1.88
C THR A 60 -8.72 19.08 -3.33
N ASP A 61 -9.68 18.46 -4.00
CA ASP A 61 -10.25 18.98 -5.26
C ASP A 61 -11.64 18.44 -5.43
N MET A 62 -12.42 19.14 -6.25
CA MET A 62 -13.85 18.87 -6.33
C MET A 62 -14.17 17.49 -6.83
N ASP A 63 -13.51 17.05 -7.90
CA ASP A 63 -13.76 15.71 -8.45
C ASP A 63 -13.53 14.60 -7.43
N ARG A 64 -12.48 14.74 -6.64
CA ARG A 64 -12.17 13.77 -5.58
C ARG A 64 -13.32 13.70 -4.56
N VAL A 65 -13.76 14.85 -4.06
CA VAL A 65 -14.79 14.89 -3.00
C VAL A 65 -16.14 14.37 -3.52
N LEU A 66 -16.51 14.80 -4.72
CA LEU A 66 -17.79 14.36 -5.30
C LEU A 66 -17.78 12.89 -5.64
N LEU A 67 -16.65 12.36 -6.09
CA LEU A 67 -16.52 10.92 -6.33
C LEU A 67 -16.66 10.13 -5.05
N LYS A 68 -16.02 10.58 -3.96
CA LYS A 68 -16.20 9.95 -2.65
C LYS A 68 -17.66 9.99 -2.23
N TYR A 69 -18.32 11.14 -2.42
CA TYR A 69 -19.72 11.28 -2.12
C TYR A 69 -20.59 10.24 -2.85
N THR A 70 -20.38 10.10 -4.16
CA THR A 70 -21.18 9.15 -4.95
C THR A 70 -20.90 7.68 -4.63
N GLU A 71 -19.71 7.38 -4.11
CA GLU A 71 -19.36 6.02 -3.71
C GLU A 71 -19.74 5.67 -2.29
N TYR A 72 -20.12 6.65 -1.45
CA TYR A 72 -20.32 6.36 -0.04
C TYR A 72 -21.43 5.35 0.10
N SER A 73 -21.10 4.22 0.72
CA SER A 73 -22.07 3.09 0.92
C SER A 73 -22.87 3.27 2.21
N GLU A 74 -22.19 3.75 3.26
CA GLU A 74 -22.77 4.02 4.57
C GLU A 74 -23.85 5.14 4.53
N PRO A 75 -24.73 5.19 5.54
CA PRO A 75 -25.78 6.22 5.57
C PRO A 75 -25.24 7.65 5.73
N HIS A 76 -25.94 8.59 5.10
CA HIS A 76 -25.54 9.98 5.08
C HIS A 76 -26.16 10.58 6.35
N GLU A 77 -25.55 11.62 6.89
CA GLU A 77 -26.22 12.44 7.91
C GLU A 77 -26.43 13.83 7.31
N SER A 78 -27.70 14.16 7.20
CA SER A 78 -28.15 15.12 6.22
C SER A 78 -29.03 16.18 6.88
N ARG A 79 -28.73 17.43 6.59
CA ARG A 79 -29.50 18.56 7.09
C ARG A 79 -29.86 19.50 5.94
N THR A 80 -31.02 20.16 6.08
CA THR A 80 -31.44 21.23 5.19
C THR A 80 -31.78 22.48 5.99
N ASN A 81 -32.12 23.57 5.28
CA ASN A 81 -32.47 24.84 5.93
C ASN A 81 -33.55 24.72 7.01
N THR A 82 -34.55 23.89 6.78
CA THR A 82 -35.59 23.61 7.79
C THR A 82 -35.00 23.10 9.11
N ASP A 83 -34.05 22.18 9.04
CA ASP A 83 -33.42 21.62 10.26
C ASP A 83 -32.50 22.61 10.95
N ILE A 84 -31.72 23.34 10.16
CA ILE A 84 -30.78 24.34 10.71
C ILE A 84 -31.56 25.43 11.44
N LEU A 85 -32.62 25.93 10.81
CA LEU A 85 -33.49 26.96 11.40
C LEU A 85 -34.14 26.48 12.69
N GLU A 86 -34.57 25.21 12.72
CA GLU A 86 -35.11 24.60 13.95
C GLU A 86 -34.09 24.55 15.08
N THR A 87 -32.87 24.10 14.79
CA THR A 87 -31.79 24.05 15.78
C THR A 87 -31.47 25.44 16.35
N LEU A 88 -31.41 26.43 15.46
CA LEU A 88 -31.12 27.81 15.84
C LEU A 88 -32.17 28.42 16.76
N LYS A 89 -33.44 28.00 16.63
CA LYS A 89 -34.49 28.46 17.54
C LYS A 89 -34.27 28.05 19.01
N ARG A 90 -33.55 26.96 19.23
CA ARG A 90 -33.35 26.42 20.59
C ARG A 90 -32.26 27.12 21.41
N ILE B 6 3.29 23.58 13.90
CA ILE B 6 3.57 24.01 12.49
C ILE B 6 3.20 22.93 11.47
N GLN B 7 3.04 21.68 11.92
CA GLN B 7 2.28 20.70 11.11
C GLN B 7 0.80 20.93 11.47
N ILE B 8 -0.01 21.42 10.53
CA ILE B 8 -1.27 22.05 10.87
C ILE B 8 -2.21 21.04 11.52
N SER B 9 -2.17 19.76 11.11
CA SER B 9 -3.05 18.73 11.66
C SER B 9 -2.72 18.28 13.08
N ARG B 10 -1.52 18.63 13.54
CA ARG B 10 -1.09 18.34 14.90
C ARG B 10 -1.51 19.44 15.88
N ILE B 11 -1.86 20.63 15.38
CA ILE B 11 -2.33 21.75 16.20
C ILE B 11 -3.40 21.43 17.25
N LEU B 12 -4.43 20.66 16.86
CA LEU B 12 -5.55 20.35 17.72
C LEU B 12 -5.22 19.28 18.80
N ASP B 13 -5.72 19.50 20.00
CA ASP B 13 -5.66 18.50 21.06
C ASP B 13 -6.61 17.37 20.67
N GLN B 14 -6.08 16.14 20.54
CA GLN B 14 -6.89 15.01 20.11
C GLN B 14 -8.02 14.63 21.08
N ARG B 15 -7.84 14.88 22.36
CA ARG B 15 -8.92 14.85 23.35
C ARG B 15 -10.20 15.62 23.02
N ASN B 16 -10.07 16.85 22.51
CA ASN B 16 -11.18 17.69 22.12
C ASN B 16 -11.47 17.64 20.62
N ARG B 17 -11.11 16.55 19.96
CA ARG B 17 -11.20 16.51 18.49
C ARG B 17 -12.67 16.54 18.01
N GLN B 18 -13.48 15.68 18.65
CA GLN B 18 -14.87 15.51 18.23
C GLN B 18 -15.70 16.76 18.52
N VAL B 19 -15.53 17.34 19.70
CA VAL B 19 -16.27 18.53 20.10
C VAL B 19 -15.94 19.71 19.18
N THR B 20 -14.66 19.90 18.90
CA THR B 20 -14.20 20.94 17.98
C THR B 20 -14.77 20.72 16.57
N PHE B 21 -14.74 19.44 16.13
CA PHE B 21 -15.30 19.11 14.84
C PHE B 21 -16.81 19.49 14.75
N THR B 22 -17.57 19.04 15.74
CA THR B 22 -19.00 19.32 15.79
C THR B 22 -19.31 20.81 15.84
N LYS B 23 -18.63 21.54 16.70
CA LYS B 23 -18.82 23.00 16.81
C LYS B 23 -18.56 23.70 15.47
N ARG B 24 -17.44 23.37 14.82
CA ARG B 24 -17.09 24.02 13.57
C ARG B 24 -17.97 23.58 12.36
N LYS B 25 -18.37 22.29 12.36
CA LYS B 25 -19.27 21.80 11.35
C LYS B 25 -20.60 22.57 11.42
N PHE B 26 -21.12 22.72 12.63
CA PHE B 26 -22.35 23.44 12.85
C PHE B 26 -22.19 24.92 12.47
N GLY B 27 -21.08 25.55 12.85
CA GLY B 27 -20.76 26.90 12.42
C GLY B 27 -20.81 27.08 10.90
N LEU B 28 -20.23 26.13 10.18
CA LEU B 28 -20.24 26.14 8.73
C LEU B 28 -21.69 26.07 8.15
N MET B 29 -22.47 25.16 8.69
CA MET B 29 -23.86 25.02 8.30
C MET B 29 -24.70 26.24 8.65
N LYS B 30 -24.47 26.82 9.82
CA LYS B 30 -25.16 28.04 10.23
C LYS B 30 -24.84 29.19 9.25
N LYS B 31 -23.55 29.34 8.88
CA LYS B 31 -23.16 30.37 7.95
C LYS B 31 -23.70 30.13 6.53
N ALA B 32 -23.77 28.87 6.14
CA ALA B 32 -24.34 28.50 4.86
C ALA B 32 -25.83 28.85 4.83
N TYR B 33 -26.56 28.46 5.89
CA TYR B 33 -27.96 28.83 6.03
C TYR B 33 -28.15 30.34 5.88
N GLU B 34 -27.36 31.12 6.63
CA GLU B 34 -27.45 32.58 6.61
C GLU B 34 -27.20 33.18 5.22
N LEU B 35 -26.13 32.73 4.57
CA LEU B 35 -25.83 33.17 3.21
C LEU B 35 -26.97 32.86 2.25
N SER B 36 -27.54 31.66 2.37
CA SER B 36 -28.60 31.24 1.47
C SER B 36 -29.85 32.12 1.61
N VAL B 37 -30.18 32.53 2.83
CA VAL B 37 -31.38 33.34 3.04
C VAL B 37 -31.10 34.82 2.75
N LEU B 38 -29.94 35.32 3.20
CA LEU B 38 -29.58 36.73 3.02
C LEU B 38 -29.41 37.09 1.54
N CYS B 39 -28.71 36.23 0.79
CA CYS B 39 -28.31 36.52 -0.58
C CYS B 39 -29.03 35.70 -1.66
N ASP B 40 -30.06 34.93 -1.28
CA ASP B 40 -30.86 34.14 -2.22
C ASP B 40 -29.98 33.15 -3.01
N CYS B 41 -29.22 32.33 -2.26
CA CYS B 41 -28.31 31.34 -2.83
C CYS B 41 -28.82 29.94 -2.61
N GLU B 42 -28.30 29.04 -3.44
CA GLU B 42 -28.46 27.62 -3.25
C GLU B 42 -27.07 27.08 -2.93
N ILE B 43 -26.97 26.40 -1.80
CA ILE B 43 -25.68 25.97 -1.27
C ILE B 43 -25.73 24.49 -0.91
N ALA B 44 -24.68 23.77 -1.27
CA ALA B 44 -24.46 22.40 -0.80
C ALA B 44 -23.10 22.32 -0.11
N LEU B 45 -23.05 21.52 0.95
CA LEU B 45 -21.85 21.31 1.75
C LEU B 45 -21.72 19.83 2.03
N ILE B 46 -20.55 19.26 1.70
CA ILE B 46 -20.24 17.88 1.92
C ILE B 46 -19.01 17.83 2.81
N ILE B 47 -19.11 17.12 3.95
CA ILE B 47 -18.00 17.01 4.89
C ILE B 47 -17.75 15.55 5.26
N PHE B 48 -16.55 15.08 4.99
CA PHE B 48 -16.08 13.79 5.53
C PHE B 48 -15.17 14.09 6.71
N ASN B 49 -15.51 13.59 7.90
CA ASN B 49 -14.63 13.76 9.06
C ASN B 49 -13.46 12.78 8.97
N SER B 50 -12.54 12.83 9.93
CA SER B 50 -11.33 11.98 9.86
C SER B 50 -11.64 10.49 9.98
N ALA B 51 -12.77 10.13 10.60
CA ALA B 51 -13.25 8.74 10.61
C ALA B 51 -14.08 8.37 9.36
N ASN B 52 -14.06 9.22 8.33
CA ASN B 52 -14.80 9.02 7.10
C ASN B 52 -16.33 8.97 7.26
N ARG B 53 -16.86 9.63 8.29
CA ARG B 53 -18.30 9.80 8.41
C ARG B 53 -18.72 10.98 7.53
N LEU B 54 -19.80 10.77 6.78
CA LEU B 54 -20.30 11.78 5.84
C LEU B 54 -21.37 12.65 6.51
N PHE B 55 -21.17 13.96 6.46
CA PHE B 55 -22.15 14.95 6.90
C PHE B 55 -22.46 15.86 5.71
N GLN B 56 -23.73 16.16 5.49
CA GLN B 56 -24.11 17.01 4.38
C GLN B 56 -25.15 18.04 4.75
N TYR B 57 -25.07 19.16 4.05
CA TYR B 57 -26.07 20.21 4.12
C TYR B 57 -26.40 20.66 2.71
N ALA B 58 -27.68 20.94 2.47
CA ALA B 58 -28.12 21.61 1.25
C ALA B 58 -29.20 22.59 1.65
N SER B 59 -29.17 23.80 1.10
CA SER B 59 -30.14 24.83 1.47
C SER B 59 -31.56 24.40 1.03
N THR B 60 -31.64 23.81 -0.17
CA THR B 60 -32.85 23.26 -0.74
C THR B 60 -32.86 21.74 -0.49
N ASP B 61 -32.27 20.97 -1.41
CA ASP B 61 -31.92 19.57 -1.13
C ASP B 61 -30.73 19.19 -2.02
N MET B 62 -30.04 18.15 -1.60
CA MET B 62 -28.77 17.82 -2.19
C MET B 62 -28.88 17.41 -3.66
N ASP B 63 -29.86 16.59 -4.00
CA ASP B 63 -30.02 16.16 -5.39
C ASP B 63 -30.24 17.34 -6.34
N ARG B 64 -31.03 18.33 -5.90
CA ARG B 64 -31.26 19.52 -6.69
C ARG B 64 -29.95 20.30 -6.95
N VAL B 65 -29.16 20.53 -5.90
CA VAL B 65 -27.92 21.31 -6.04
C VAL B 65 -26.89 20.58 -6.90
N LEU B 66 -26.74 19.29 -6.68
CA LEU B 66 -25.78 18.49 -7.47
C LEU B 66 -26.20 18.37 -8.92
N LEU B 67 -27.49 18.26 -9.18
CA LEU B 67 -28.00 18.29 -10.56
C LEU B 67 -27.71 19.63 -11.26
N LYS B 68 -27.93 20.74 -10.56
CA LYS B 68 -27.55 22.07 -11.07
C LYS B 68 -26.04 22.13 -11.37
N TYR B 69 -25.24 21.60 -10.45
CA TYR B 69 -23.81 21.51 -10.65
C TYR B 69 -23.42 20.78 -11.94
N THR B 70 -23.99 19.61 -12.16
CA THR B 70 -23.70 18.82 -13.38
C THR B 70 -24.21 19.45 -14.67
N GLU B 71 -25.23 20.30 -14.58
CA GLU B 71 -25.73 21.05 -15.74
C GLU B 71 -25.00 22.37 -16.03
N TYR B 72 -24.20 22.86 -15.12
CA TYR B 72 -23.24 23.94 -15.38
C TYR B 72 -21.97 23.41 -16.01
N SER B 73 -21.35 24.14 -16.96
CA SER B 73 -20.20 23.67 -17.70
C SER B 73 -18.87 23.91 -16.98
N GLU B 74 -18.74 25.08 -16.36
CA GLU B 74 -17.51 25.44 -15.60
C GLU B 74 -17.81 26.43 -14.47
N PRO B 75 -17.02 26.37 -13.37
CA PRO B 75 -17.22 27.35 -12.28
C PRO B 75 -16.82 28.77 -12.68
N HIS B 76 -17.52 29.76 -12.12
CA HIS B 76 -17.00 31.14 -12.07
C HIS B 76 -15.79 31.28 -11.14
N GLU B 77 -15.84 30.75 -9.93
CA GLU B 77 -14.72 30.72 -9.02
C GLU B 77 -14.59 29.29 -8.59
N SER B 78 -13.39 28.74 -8.70
CA SER B 78 -13.06 27.47 -8.09
C SER B 78 -11.87 27.61 -7.13
N ARG B 79 -12.02 27.12 -5.92
CA ARG B 79 -10.96 27.26 -4.91
C ARG B 79 -10.68 25.90 -4.24
N THR B 80 -9.42 25.70 -3.89
CA THR B 80 -9.00 24.64 -2.98
C THR B 80 -8.17 25.22 -1.83
N ASN B 81 -7.77 24.37 -0.88
CA ASN B 81 -6.99 24.80 0.28
C ASN B 81 -5.72 25.59 -0.08
N THR B 82 -5.04 25.16 -1.14
CA THR B 82 -3.86 25.87 -1.64
C THR B 82 -4.17 27.34 -1.99
N ASP B 83 -5.30 27.58 -2.65
CA ASP B 83 -5.67 28.95 -3.05
C ASP B 83 -6.12 29.79 -1.88
N ILE B 84 -6.90 29.19 -0.97
CA ILE B 84 -7.39 29.91 0.22
C ILE B 84 -6.20 30.34 1.09
N LEU B 85 -5.26 29.43 1.31
CA LEU B 85 -4.07 29.71 2.10
C LEU B 85 -3.22 30.83 1.47
N GLU B 86 -3.11 30.82 0.14
CA GLU B 86 -2.41 31.88 -0.59
C GLU B 86 -3.09 33.26 -0.43
N THR B 87 -4.41 33.30 -0.58
CA THR B 87 -5.17 34.54 -0.38
C THR B 87 -5.00 35.10 1.02
N LEU B 88 -5.07 34.21 2.01
CA LEU B 88 -4.92 34.60 3.43
C LEU B 88 -3.54 35.17 3.76
N LYS B 89 -2.49 34.73 3.06
CA LYS B 89 -1.13 35.29 3.25
C LYS B 89 -1.02 36.71 2.69
N ARG B 90 -1.68 36.91 1.53
CA ARG B 90 -1.40 38.01 0.56
C ARG B 90 -0.13 38.87 0.78
N LYS C 5 14.46 15.80 25.21
CA LYS C 5 14.55 17.27 24.93
C LYS C 5 14.92 17.57 23.47
N ILE C 6 15.86 16.78 22.97
CA ILE C 6 16.38 16.87 21.61
C ILE C 6 15.35 16.43 20.53
N GLN C 7 15.07 17.32 19.59
CA GLN C 7 14.22 17.01 18.48
C GLN C 7 15.07 16.39 17.39
N ILE C 8 14.72 15.18 16.99
CA ILE C 8 15.45 14.40 16.03
C ILE C 8 15.67 15.14 14.72
N SER C 9 14.70 15.95 14.26
CA SER C 9 14.84 16.69 13.00
C SER C 9 15.85 17.86 13.03
N ARG C 10 16.26 18.25 14.22
CA ARG C 10 17.26 19.28 14.41
C ARG C 10 18.67 18.73 14.44
N ILE C 11 18.80 17.41 14.65
CA ILE C 11 20.11 16.72 14.57
C ILE C 11 20.98 17.06 13.35
N LEU C 12 20.37 17.11 12.16
CA LEU C 12 21.09 17.36 10.94
C LEU C 12 21.56 18.81 10.73
N ASP C 13 22.77 18.95 10.21
CA ASP C 13 23.29 20.26 9.81
C ASP C 13 22.55 20.63 8.53
N GLN C 14 21.84 21.77 8.53
CA GLN C 14 21.06 22.18 7.38
C GLN C 14 21.89 22.47 6.12
N ARG C 15 23.14 22.89 6.28
CA ARG C 15 24.11 22.91 5.18
C ARG C 15 24.27 21.65 4.34
N ASN C 16 24.32 20.47 4.99
CA ASN C 16 24.43 19.19 4.33
C ASN C 16 23.08 18.47 4.20
N ARG C 17 22.01 19.21 4.14
CA ARG C 17 20.66 18.61 4.15
C ARG C 17 20.39 17.79 2.85
N GLN C 18 20.72 18.42 1.70
CA GLN C 18 20.43 17.83 0.42
C GLN C 18 21.28 16.58 0.15
N VAL C 19 22.58 16.67 0.47
CA VAL C 19 23.48 15.56 0.23
C VAL C 19 23.10 14.37 1.10
N THR C 20 22.79 14.61 2.37
CA THR C 20 22.35 13.58 3.28
C THR C 20 21.05 12.93 2.80
N PHE C 21 20.11 13.80 2.34
CA PHE C 21 18.87 13.29 1.83
C PHE C 21 19.09 12.34 0.62
N THR C 22 19.86 12.82 -0.35
CA THR C 22 20.14 12.04 -1.55
C THR C 22 20.85 10.74 -1.25
N LYS C 23 21.88 10.77 -0.41
CA LYS C 23 22.61 9.55 -0.03
C LYS C 23 21.68 8.51 0.60
N ARG C 24 20.84 8.95 1.55
CA ARG C 24 19.96 8.03 2.24
C ARG C 24 18.76 7.53 1.36
N LYS C 25 18.25 8.43 0.50
CA LYS C 25 17.23 8.05 -0.42
C LYS C 25 17.74 6.93 -1.36
N PHE C 26 18.94 7.14 -1.88
CA PHE C 26 19.56 6.16 -2.73
C PHE C 26 19.83 4.86 -2.01
N GLY C 27 20.35 4.92 -0.78
CA GLY C 27 20.51 3.75 0.08
C GLY C 27 19.23 2.94 0.24
N LEU C 28 18.13 3.64 0.47
CA LEU C 28 16.82 3.00 0.59
C LEU C 28 16.39 2.25 -0.72
N MET C 29 16.56 2.94 -1.84
CA MET C 29 16.27 2.35 -3.13
C MET C 29 17.18 1.18 -3.47
N LYS C 30 18.46 1.31 -3.14
CA LYS C 30 19.42 0.21 -3.35
C LYS C 30 19.00 -1.03 -2.55
N LYS C 31 18.63 -0.82 -1.28
CA LYS C 31 18.21 -1.93 -0.43
C LYS C 31 16.89 -2.54 -0.87
N ALA C 32 15.99 -1.70 -1.38
CA ALA C 32 14.72 -2.17 -1.91
C ALA C 32 14.98 -3.03 -3.16
N TYR C 33 15.82 -2.54 -4.07
CA TYR C 33 16.22 -3.31 -5.24
C TYR C 33 16.77 -4.68 -4.83
N GLU C 34 17.71 -4.69 -3.89
CA GLU C 34 18.33 -5.93 -3.41
C GLU C 34 17.33 -6.93 -2.83
N LEU C 35 16.45 -6.43 -1.95
CA LEU C 35 15.41 -7.26 -1.37
C LEU C 35 14.50 -7.85 -2.44
N SER C 36 14.13 -7.04 -3.43
CA SER C 36 13.24 -7.49 -4.48
C SER C 36 13.84 -8.62 -5.31
N VAL C 37 15.14 -8.56 -5.58
CA VAL C 37 15.78 -9.58 -6.42
C VAL C 37 16.14 -10.81 -5.57
N LEU C 38 16.66 -10.59 -4.36
CA LEU C 38 17.08 -11.68 -3.49
C LEU C 38 15.89 -12.56 -3.05
N CYS C 39 14.80 -11.91 -2.65
CA CYS C 39 13.66 -12.57 -2.04
C CYS C 39 12.39 -12.65 -2.90
N ASP C 40 12.48 -12.24 -4.17
CA ASP C 40 11.35 -12.29 -5.11
C ASP C 40 10.15 -11.49 -4.58
N CYS C 41 10.41 -10.21 -4.26
CA CYS C 41 9.40 -9.29 -3.74
C CYS C 41 9.05 -8.24 -4.74
N GLU C 42 7.87 -7.67 -4.52
CA GLU C 42 7.44 -6.48 -5.23
C GLU C 42 7.36 -5.37 -4.21
N ILE C 43 8.07 -4.28 -4.49
CA ILE C 43 8.25 -3.22 -3.51
C ILE C 43 7.93 -1.88 -4.16
N ALA C 44 7.20 -1.04 -3.43
CA ALA C 44 7.03 0.37 -3.80
C ALA C 44 7.50 1.25 -2.63
N LEU C 45 8.08 2.39 -3.00
CA LEU C 45 8.62 3.35 -2.05
C LEU C 45 8.22 4.74 -2.51
N ILE C 46 7.58 5.49 -1.63
CA ILE C 46 7.16 6.85 -1.89
C ILE C 46 7.83 7.76 -0.86
N ILE C 47 8.56 8.77 -1.31
CA ILE C 47 9.28 9.69 -0.41
C ILE C 47 8.95 11.13 -0.77
N PHE C 48 8.41 11.87 0.19
CA PHE C 48 8.29 13.31 0.10
C PHE C 48 9.41 13.92 0.93
N ASN C 49 10.27 14.73 0.32
CA ASN C 49 11.33 15.43 1.07
C ASN C 49 10.72 16.63 1.80
N SER C 50 11.56 17.35 2.57
CA SER C 50 11.02 18.47 3.38
C SER C 50 10.49 19.62 2.53
N ALA C 51 10.98 19.76 1.28
CA ALA C 51 10.42 20.73 0.34
C ALA C 51 9.21 20.18 -0.44
N ASN C 52 8.66 19.05 0.00
CA ASN C 52 7.52 18.40 -0.64
C ASN C 52 7.77 17.94 -2.09
N ARG C 53 9.02 17.63 -2.43
CA ARG C 53 9.31 17.01 -3.71
C ARG C 53 9.07 15.49 -3.57
N LEU C 54 8.40 14.92 -4.58
CA LEU C 54 8.05 13.51 -4.59
C LEU C 54 9.12 12.70 -5.32
N PHE C 55 9.64 11.67 -4.63
CA PHE C 55 10.53 10.68 -5.20
C PHE C 55 9.90 9.30 -5.03
N GLN C 56 9.96 8.47 -6.06
CA GLN C 56 9.35 7.15 -5.98
C GLN C 56 10.21 6.06 -6.59
N TYR C 57 10.05 4.87 -6.03
CA TYR C 57 10.66 3.67 -6.56
C TYR C 57 9.60 2.55 -6.57
N ALA C 58 9.62 1.75 -7.61
CA ALA C 58 8.86 0.50 -7.64
C ALA C 58 9.72 -0.55 -8.32
N SER C 59 9.74 -1.76 -7.77
CA SER C 59 10.60 -2.82 -8.31
C SER C 59 10.15 -3.19 -9.73
N THR C 60 8.83 -3.25 -9.94
CA THR C 60 8.20 -3.51 -11.21
C THR C 60 7.76 -2.18 -11.82
N ASP C 61 6.56 -1.72 -11.48
CA ASP C 61 6.16 -0.34 -11.71
C ASP C 61 5.11 0.06 -10.71
N MET C 62 4.99 1.37 -10.51
CA MET C 62 4.21 1.90 -9.41
C MET C 62 2.71 1.54 -9.53
N ASP C 63 2.14 1.71 -10.71
CA ASP C 63 0.72 1.40 -10.90
C ASP C 63 0.39 -0.06 -10.55
N ARG C 64 1.27 -0.98 -10.93
CA ARG C 64 1.09 -2.38 -10.60
C ARG C 64 1.05 -2.61 -9.08
N VAL C 65 2.04 -2.05 -8.36
CA VAL C 65 2.15 -2.28 -6.91
C VAL C 65 0.98 -1.63 -6.16
N LEU C 66 0.61 -0.42 -6.54
CA LEU C 66 -0.49 0.27 -5.88
C LEU C 66 -1.83 -0.40 -6.16
N LEU C 67 -2.02 -0.93 -7.37
CA LEU C 67 -3.21 -1.70 -7.68
C LEU C 67 -3.30 -2.99 -6.84
N LYS C 68 -2.19 -3.70 -6.69
CA LYS C 68 -2.14 -4.84 -5.79
C LYS C 68 -2.48 -4.46 -4.37
N TYR C 69 -1.92 -3.35 -3.91
CA TYR C 69 -2.22 -2.81 -2.58
C TYR C 69 -3.74 -2.59 -2.38
N THR C 70 -4.38 -1.92 -3.33
CA THR C 70 -5.83 -1.65 -3.22
C THR C 70 -6.71 -2.91 -3.32
N GLU C 71 -6.20 -3.96 -3.95
CA GLU C 71 -6.90 -5.25 -4.02
C GLU C 71 -6.67 -6.18 -2.82
N TYR C 72 -5.69 -5.92 -1.99
CA TYR C 72 -5.53 -6.57 -0.69
C TYR C 72 -6.40 -5.89 0.37
N SER C 73 -7.01 -6.63 1.30
CA SER C 73 -7.96 -6.09 2.25
C SER C 73 -7.30 -5.52 3.50
N GLU C 74 -6.28 -6.22 4.01
CA GLU C 74 -5.50 -5.77 5.16
C GLU C 74 -4.04 -6.24 5.11
N PRO C 75 -3.11 -5.43 5.71
CA PRO C 75 -1.72 -5.87 5.78
C PRO C 75 -1.53 -7.07 6.72
N HIS C 76 -0.54 -7.90 6.41
CA HIS C 76 0.07 -8.81 7.40
C HIS C 76 0.85 -8.05 8.50
N GLU C 77 1.72 -7.13 8.15
CA GLU C 77 2.45 -6.32 9.10
C GLU C 77 2.19 -4.89 8.67
N SER C 78 1.74 -4.07 9.62
CA SER C 78 1.67 -2.66 9.42
C SER C 78 2.51 -1.92 10.48
N ARG C 79 3.37 -1.02 10.03
CA ARG C 79 4.23 -0.26 10.90
C ARG C 79 4.20 1.22 10.60
N THR C 80 4.34 2.02 11.66
CA THR C 80 4.64 3.44 11.56
C THR C 80 5.88 3.77 12.41
N ASN C 81 6.32 5.03 12.34
CA ASN C 81 7.49 5.50 13.11
C ASN C 81 7.42 5.19 14.60
N THR C 82 6.22 5.33 15.19
CA THR C 82 6.02 4.98 16.59
C THR C 82 6.37 3.52 16.89
N ASP C 83 5.97 2.60 16.03
CA ASP C 83 6.26 1.18 16.27
C ASP C 83 7.71 0.82 16.00
N ILE C 84 8.31 1.40 14.96
CA ILE C 84 9.71 1.14 14.63
C ILE C 84 10.60 1.62 15.79
N LEU C 85 10.33 2.82 16.30
CA LEU C 85 11.08 3.39 17.41
C LEU C 85 10.94 2.54 18.68
N GLU C 86 9.75 2.01 18.93
CA GLU C 86 9.50 1.08 20.04
C GLU C 86 10.31 -0.21 19.93
N THR C 87 10.31 -0.83 18.74
CA THR C 87 11.09 -2.04 18.48
C THR C 87 12.59 -1.82 18.69
N LEU C 88 13.08 -0.68 18.19
CA LEU C 88 14.49 -0.31 18.33
C LEU C 88 14.94 -0.12 19.78
N LYS C 89 14.03 0.33 20.66
CA LYS C 89 14.31 0.46 22.10
C LYS C 89 14.42 -0.92 22.74
N GLN D 7 27.16 -10.80 -10.02
CA GLN D 7 25.79 -10.22 -9.80
C GLN D 7 25.07 -10.78 -8.57
N ILE D 8 23.88 -10.22 -8.35
CA ILE D 8 22.92 -10.71 -7.35
C ILE D 8 21.81 -11.58 -8.03
N SER D 9 21.44 -12.66 -7.35
CA SER D 9 20.37 -13.56 -7.84
C SER D 9 19.40 -13.92 -6.73
N ARG D 10 18.36 -14.66 -7.09
CA ARG D 10 17.28 -15.02 -6.17
C ARG D 10 17.63 -16.24 -5.25
N ILE D 11 17.32 -16.09 -3.97
CA ILE D 11 17.54 -17.13 -2.98
C ILE D 11 16.49 -18.22 -3.16
N LEU D 12 16.93 -19.41 -3.56
CA LEU D 12 16.01 -20.53 -3.81
C LEU D 12 15.50 -21.24 -2.56
N ASP D 13 16.34 -21.43 -1.55
CA ASP D 13 16.00 -22.17 -0.35
C ASP D 13 15.00 -21.31 0.44
N GLN D 14 13.85 -21.88 0.73
CA GLN D 14 12.76 -21.13 1.36
C GLN D 14 13.11 -20.66 2.80
N ARG D 15 13.92 -21.40 3.54
CA ARG D 15 14.30 -20.98 4.90
C ARG D 15 15.26 -19.80 4.82
N ASN D 16 16.20 -19.88 3.89
CA ASN D 16 17.20 -18.81 3.75
C ASN D 16 16.59 -17.57 3.06
N ARG D 17 15.54 -17.78 2.23
CA ARG D 17 14.76 -16.67 1.69
C ARG D 17 14.01 -15.92 2.79
N GLN D 18 13.36 -16.63 3.70
CA GLN D 18 12.53 -15.98 4.73
C GLN D 18 13.37 -15.22 5.74
N VAL D 19 14.46 -15.81 6.19
CA VAL D 19 15.32 -15.16 7.19
C VAL D 19 15.94 -13.89 6.60
N THR D 20 16.43 -14.00 5.36
CA THR D 20 16.99 -12.87 4.64
C THR D 20 15.94 -11.80 4.42
N PHE D 21 14.74 -12.21 4.06
CA PHE D 21 13.63 -11.27 3.87
C PHE D 21 13.33 -10.51 5.13
N THR D 22 13.16 -11.21 6.25
CA THR D 22 12.86 -10.57 7.53
C THR D 22 13.97 -9.58 7.93
N LYS D 23 15.24 -10.02 7.86
CA LYS D 23 16.36 -9.16 8.21
C LYS D 23 16.38 -7.87 7.37
N ARG D 24 16.23 -8.03 6.06
CA ARG D 24 16.30 -6.90 5.14
C ARG D 24 15.05 -6.04 5.14
N LYS D 25 13.88 -6.63 5.38
CA LYS D 25 12.64 -5.86 5.52
C LYS D 25 12.78 -4.93 6.70
N PHE D 26 13.27 -5.47 7.83
CA PHE D 26 13.46 -4.66 9.01
C PHE D 26 14.52 -3.55 8.76
N GLY D 27 15.63 -3.91 8.12
CA GLY D 27 16.64 -2.95 7.72
C GLY D 27 16.08 -1.80 6.89
N LEU D 28 15.22 -2.12 5.93
CA LEU D 28 14.57 -1.12 5.10
C LEU D 28 13.67 -0.18 5.88
N MET D 29 12.86 -0.76 6.77
CA MET D 29 12.01 0.05 7.64
C MET D 29 12.79 0.90 8.60
N LYS D 30 13.86 0.36 9.15
CA LYS D 30 14.73 1.15 10.05
C LYS D 30 15.33 2.34 9.31
N LYS D 31 15.83 2.12 8.08
CA LYS D 31 16.40 3.19 7.28
C LYS D 31 15.36 4.21 6.83
N ALA D 32 14.15 3.74 6.55
CA ALA D 32 13.06 4.64 6.19
C ALA D 32 12.70 5.51 7.40
N TYR D 33 12.56 4.90 8.57
CA TYR D 33 12.33 5.64 9.82
C TYR D 33 13.40 6.72 10.00
N GLU D 34 14.66 6.34 9.88
CA GLU D 34 15.79 7.27 10.06
C GLU D 34 15.75 8.43 9.08
N LEU D 35 15.54 8.14 7.80
CA LEU D 35 15.41 9.19 6.79
C LEU D 35 14.27 10.15 7.12
N SER D 36 13.13 9.60 7.54
CA SER D 36 11.96 10.41 7.86
C SER D 36 12.22 11.38 9.01
N VAL D 37 12.95 10.92 10.05
CA VAL D 37 13.19 11.78 11.21
C VAL D 37 14.35 12.72 10.97
N LEU D 38 15.41 12.22 10.37
CA LEU D 38 16.61 13.03 10.10
C LEU D 38 16.34 14.17 9.12
N CYS D 39 15.63 13.86 8.04
CA CYS D 39 15.44 14.80 6.92
C CYS D 39 14.02 15.37 6.78
N ASP D 40 13.13 15.10 7.76
CA ASP D 40 11.76 15.61 7.75
C ASP D 40 11.01 15.17 6.47
N CYS D 41 10.98 13.86 6.25
CA CYS D 41 10.28 13.25 5.11
C CYS D 41 9.06 12.51 5.53
N GLU D 42 8.15 12.32 4.57
CA GLU D 42 7.04 11.41 4.73
C GLU D 42 7.29 10.24 3.77
N ILE D 43 7.31 9.04 4.31
CA ILE D 43 7.72 7.87 3.56
C ILE D 43 6.68 6.77 3.72
N ALA D 44 6.36 6.13 2.60
CA ALA D 44 5.55 4.91 2.59
C ALA D 44 6.33 3.81 1.87
N LEU D 45 6.20 2.59 2.40
CA LEU D 45 6.90 1.42 1.88
C LEU D 45 5.89 0.28 1.83
N ILE D 46 5.73 -0.32 0.66
CA ILE D 46 4.83 -1.41 0.43
C ILE D 46 5.65 -2.59 -0.08
N ILE D 47 5.54 -3.73 0.59
CA ILE D 47 6.30 -4.94 0.19
C ILE D 47 5.36 -6.14 0.11
N PHE D 48 5.34 -6.76 -1.06
CA PHE D 48 4.73 -8.08 -1.23
C PHE D 48 5.84 -9.11 -1.27
N ASN D 49 5.85 -10.07 -0.36
CA ASN D 49 6.85 -11.13 -0.38
C ASN D 49 6.50 -12.18 -1.42
N SER D 50 7.35 -13.20 -1.59
CA SER D 50 7.12 -14.21 -2.65
C SER D 50 5.86 -15.04 -2.42
N ALA D 51 5.40 -15.16 -1.18
CA ALA D 51 4.11 -15.79 -0.87
C ALA D 51 2.92 -14.80 -0.97
N ASN D 52 3.15 -13.62 -1.55
CA ASN D 52 2.13 -12.58 -1.71
C ASN D 52 1.57 -12.03 -0.39
N ARG D 53 2.33 -12.08 0.69
CA ARG D 53 1.95 -11.43 1.93
C ARG D 53 2.34 -9.96 1.84
N LEU D 54 1.42 -9.09 2.27
CA LEU D 54 1.62 -7.64 2.28
C LEU D 54 2.22 -7.16 3.59
N PHE D 55 3.33 -6.44 3.48
CA PHE D 55 3.96 -5.74 4.60
C PHE D 55 4.06 -4.26 4.25
N GLN D 56 3.71 -3.40 5.20
CA GLN D 56 3.75 -1.97 4.92
C GLN D 56 4.32 -1.15 6.06
N TYR D 57 4.95 -0.06 5.68
CA TYR D 57 5.43 0.94 6.59
C TYR D 57 5.02 2.33 6.09
N ALA D 58 4.61 3.19 7.03
CA ALA D 58 4.44 4.61 6.71
C ALA D 58 4.92 5.43 7.88
N SER D 59 5.62 6.51 7.61
CA SER D 59 6.26 7.30 8.70
C SER D 59 5.17 7.92 9.59
N THR D 60 4.12 8.42 8.95
CA THR D 60 2.94 8.98 9.61
C THR D 60 1.85 7.91 9.63
N ASP D 61 1.06 7.80 8.56
CA ASP D 61 0.22 6.64 8.31
C ASP D 61 -0.02 6.51 6.83
N MET D 62 -0.39 5.29 6.42
CA MET D 62 -0.39 4.95 5.01
C MET D 62 -1.40 5.77 4.22
N ASP D 63 -2.63 5.91 4.73
CA ASP D 63 -3.64 6.68 4.02
C ASP D 63 -3.22 8.12 3.75
N ARG D 64 -2.56 8.75 4.72
CA ARG D 64 -2.06 10.11 4.56
C ARG D 64 -1.04 10.20 3.42
N VAL D 65 -0.05 9.29 3.40
CA VAL D 65 1.03 9.34 2.41
C VAL D 65 0.48 9.04 1.00
N LEU D 66 -0.39 8.03 0.88
CA LEU D 66 -0.94 7.68 -0.40
C LEU D 66 -1.88 8.76 -0.94
N LEU D 67 -2.62 9.42 -0.06
CA LEU D 67 -3.45 10.55 -0.46
C LEU D 67 -2.60 11.71 -0.99
N LYS D 68 -1.51 12.03 -0.29
CA LYS D 68 -0.57 13.03 -0.80
C LYS D 68 -0.03 12.66 -2.17
N TYR D 69 0.35 11.38 -2.32
CA TYR D 69 0.83 10.86 -3.60
C TYR D 69 -0.19 11.10 -4.73
N THR D 70 -1.47 10.74 -4.49
CA THR D 70 -2.49 10.88 -5.53
C THR D 70 -2.85 12.33 -5.86
N GLU D 71 -2.62 13.24 -4.91
CA GLU D 71 -2.87 14.67 -5.13
C GLU D 71 -1.70 15.43 -5.70
N TYR D 72 -0.51 14.85 -5.75
CA TYR D 72 0.67 15.58 -6.20
C TYR D 72 0.43 16.05 -7.65
N SER D 73 0.53 17.35 -7.82
CA SER D 73 0.29 17.99 -9.15
C SER D 73 1.56 18.02 -10.00
N GLU D 74 2.69 18.29 -9.37
CA GLU D 74 4.00 18.35 -10.02
C GLU D 74 4.46 16.97 -10.57
N PRO D 75 5.42 16.97 -11.51
CA PRO D 75 5.92 15.71 -12.06
C PRO D 75 6.65 14.83 -11.06
N HIS D 76 6.51 13.52 -11.23
CA HIS D 76 7.04 12.54 -10.29
C HIS D 76 8.49 12.30 -10.70
N GLU D 77 9.33 11.91 -9.74
CA GLU D 77 10.67 11.41 -10.09
C GLU D 77 10.72 9.94 -9.67
N SER D 78 10.89 9.10 -10.66
CA SER D 78 10.39 7.74 -10.61
C SER D 78 11.47 6.79 -11.07
N ARG D 79 11.69 5.73 -10.30
CA ARG D 79 12.72 4.73 -10.58
C ARG D 79 12.15 3.32 -10.48
N THR D 80 12.69 2.43 -11.30
CA THR D 80 12.44 0.99 -11.19
C THR D 80 13.77 0.23 -11.10
N ASN D 81 13.68 -1.09 -10.94
CA ASN D 81 14.86 -1.95 -10.83
C ASN D 81 15.85 -1.78 -11.98
N THR D 82 15.34 -1.60 -13.20
CA THR D 82 16.18 -1.33 -14.38
C THR D 82 17.05 -0.09 -14.19
N ASP D 83 16.49 0.98 -13.65
CA ASP D 83 17.24 2.23 -13.44
C ASP D 83 18.23 2.13 -12.30
N ILE D 84 17.82 1.48 -11.20
CA ILE D 84 18.70 1.32 -10.04
C ILE D 84 19.94 0.48 -10.45
N LEU D 85 19.70 -0.62 -11.15
CA LEU D 85 20.77 -1.48 -11.64
C LEU D 85 21.73 -0.74 -12.58
N GLU D 86 21.19 0.11 -13.45
CA GLU D 86 22.01 0.96 -14.32
C GLU D 86 22.89 1.94 -13.54
N THR D 87 22.32 2.62 -12.55
CA THR D 87 23.08 3.54 -11.69
C THR D 87 24.20 2.83 -10.95
N LEU D 88 23.90 1.65 -10.41
CA LEU D 88 24.87 0.84 -9.68
C LEU D 88 26.06 0.38 -10.53
N LYS D 89 25.86 0.18 -11.85
CA LYS D 89 26.95 -0.16 -12.75
C LYS D 89 28.03 0.93 -12.84
N ARG D 90 27.66 2.20 -12.61
CA ARG D 90 28.63 3.25 -12.25
C ARG D 90 28.81 3.28 -10.74
N SER E 9 11.52 -19.30 -20.87
CA SER E 9 10.08 -18.95 -21.04
C SER E 9 9.23 -20.20 -21.31
N ARG E 10 7.93 -20.00 -21.41
CA ARG E 10 6.96 -21.08 -21.45
C ARG E 10 6.76 -21.69 -22.86
N ILE E 11 6.76 -23.03 -22.93
CA ILE E 11 6.53 -23.76 -24.17
C ILE E 11 5.07 -23.66 -24.57
N LEU E 12 4.82 -23.02 -25.69
CA LEU E 12 3.44 -22.78 -26.15
C LEU E 12 2.74 -24.00 -26.78
N ASP E 13 3.46 -24.82 -27.56
CA ASP E 13 2.86 -25.95 -28.25
C ASP E 13 2.54 -27.00 -27.19
N GLN E 14 1.28 -27.42 -27.12
CA GLN E 14 0.83 -28.35 -26.07
C GLN E 14 1.49 -29.74 -26.16
N ARG E 15 1.82 -30.20 -27.37
CA ARG E 15 2.46 -31.52 -27.49
C ARG E 15 3.90 -31.43 -26.99
N ASN E 16 4.58 -30.35 -27.35
CA ASN E 16 5.98 -30.16 -26.95
C ASN E 16 6.08 -29.76 -25.47
N ARG E 17 5.04 -29.13 -24.91
CA ARG E 17 4.94 -28.91 -23.47
C ARG E 17 4.84 -30.23 -22.70
N GLN E 18 3.98 -31.15 -23.15
CA GLN E 18 3.75 -32.39 -22.40
C GLN E 18 4.98 -33.31 -22.42
N VAL E 19 5.61 -33.45 -23.59
CA VAL E 19 6.78 -34.31 -23.72
C VAL E 19 7.93 -33.76 -22.88
N THR E 20 8.16 -32.46 -22.97
CA THR E 20 9.17 -31.78 -22.15
C THR E 20 8.88 -31.90 -20.68
N PHE E 21 7.63 -31.77 -20.30
CA PHE E 21 7.23 -31.95 -18.89
C PHE E 21 7.58 -33.36 -18.40
N THR E 22 7.18 -34.38 -19.15
CA THR E 22 7.47 -35.76 -18.77
C THR E 22 8.98 -36.02 -18.66
N LYS E 23 9.74 -35.60 -19.68
CA LYS E 23 11.19 -35.77 -19.68
C LYS E 23 11.85 -35.10 -18.47
N ARG E 24 11.48 -33.87 -18.18
CA ARG E 24 12.07 -33.11 -17.08
C ARG E 24 11.57 -33.52 -15.71
N LYS E 25 10.33 -33.97 -15.61
CA LYS E 25 9.81 -34.53 -14.36
C LYS E 25 10.63 -35.77 -14.00
N PHE E 26 10.85 -36.64 -14.98
CA PHE E 26 11.66 -37.82 -14.76
C PHE E 26 13.11 -37.46 -14.39
N GLY E 27 13.70 -36.49 -15.10
CA GLY E 27 15.01 -35.96 -14.77
C GLY E 27 15.11 -35.48 -13.33
N LEU E 28 14.10 -34.77 -12.86
CA LEU E 28 14.04 -34.27 -11.48
C LEU E 28 14.00 -35.43 -10.46
N MET E 29 13.16 -36.43 -10.74
CA MET E 29 13.08 -37.61 -9.89
C MET E 29 14.39 -38.40 -9.89
N LYS E 30 15.01 -38.54 -11.06
CA LYS E 30 16.30 -39.21 -11.15
C LYS E 30 17.37 -38.49 -10.32
N LYS E 31 17.43 -37.18 -10.41
CA LYS E 31 18.37 -36.36 -9.63
C LYS E 31 18.09 -36.40 -8.14
N ALA E 32 16.81 -36.45 -7.78
CA ALA E 32 16.41 -36.59 -6.38
C ALA E 32 16.88 -37.96 -5.85
N TYR E 33 16.61 -39.02 -6.60
CA TYR E 33 17.14 -40.35 -6.27
C TYR E 33 18.65 -40.33 -6.03
N GLU E 34 19.38 -39.75 -6.97
CA GLU E 34 20.85 -39.66 -6.89
C GLU E 34 21.34 -38.91 -5.65
N LEU E 35 20.75 -37.74 -5.39
CA LEU E 35 21.07 -36.98 -4.20
C LEU E 35 20.80 -37.77 -2.91
N SER E 36 19.68 -38.48 -2.88
CA SER E 36 19.30 -39.27 -1.71
C SER E 36 20.33 -40.37 -1.41
N VAL E 37 20.86 -41.02 -2.45
CA VAL E 37 21.81 -42.12 -2.25
C VAL E 37 23.22 -41.58 -2.01
N LEU E 38 23.63 -40.56 -2.77
CA LEU E 38 24.96 -39.97 -2.65
C LEU E 38 25.19 -39.32 -1.29
N CYS E 39 24.21 -38.54 -0.83
CA CYS E 39 24.35 -37.71 0.35
C CYS E 39 23.52 -38.16 1.57
N ASP E 40 22.90 -39.33 1.50
CA ASP E 40 22.10 -39.90 2.60
C ASP E 40 20.96 -38.95 3.03
N CYS E 41 20.14 -38.58 2.06
CA CYS E 41 18.98 -37.69 2.26
C CYS E 41 17.68 -38.40 2.11
N GLU E 42 16.65 -37.80 2.67
CA GLU E 42 15.26 -38.15 2.42
C GLU E 42 14.66 -36.97 1.68
N ILE E 43 14.07 -37.25 0.53
CA ILE E 43 13.58 -36.20 -0.36
C ILE E 43 12.14 -36.51 -0.77
N ALA E 44 11.30 -35.47 -0.75
CA ALA E 44 9.98 -35.52 -1.35
C ALA E 44 9.85 -34.42 -2.42
N LEU E 45 9.13 -34.76 -3.48
CA LEU E 45 8.90 -33.87 -4.60
C LEU E 45 7.42 -33.93 -4.96
N ILE E 46 6.79 -32.76 -5.00
CA ILE E 46 5.37 -32.62 -5.30
C ILE E 46 5.28 -31.70 -6.52
N ILE E 47 4.62 -32.15 -7.58
CA ILE E 47 4.47 -31.38 -8.82
C ILE E 47 3.01 -31.35 -9.25
N PHE E 48 2.47 -30.14 -9.41
CA PHE E 48 1.20 -29.97 -10.10
C PHE E 48 1.49 -29.47 -11.51
N ASN E 49 1.06 -30.19 -12.54
CA ASN E 49 1.24 -29.72 -13.92
C ASN E 49 0.20 -28.64 -14.25
N SER E 50 0.23 -28.10 -15.48
CA SER E 50 -0.68 -26.99 -15.82
C SER E 50 -2.16 -27.41 -15.83
N ALA E 51 -2.44 -28.69 -16.04
CA ALA E 51 -3.80 -29.22 -15.89
C ALA E 51 -4.15 -29.60 -14.44
N ASN E 52 -3.32 -29.21 -13.48
CA ASN E 52 -3.49 -29.53 -12.07
C ASN E 52 -3.50 -31.04 -11.74
N ARG E 53 -2.79 -31.83 -12.53
CA ARG E 53 -2.56 -33.22 -12.19
C ARG E 53 -1.39 -33.27 -11.21
N LEU E 54 -1.56 -34.08 -10.15
CA LEU E 54 -0.56 -34.24 -9.11
C LEU E 54 0.40 -35.39 -9.42
N PHE E 55 1.69 -35.08 -9.42
CA PHE E 55 2.76 -36.07 -9.53
C PHE E 55 3.66 -35.95 -8.31
N GLN E 56 4.04 -37.09 -7.74
CA GLN E 56 4.87 -37.08 -6.55
C GLN E 56 5.94 -38.12 -6.55
N TYR E 57 7.03 -37.78 -5.90
CA TYR E 57 8.14 -38.68 -5.67
C TYR E 57 8.61 -38.55 -4.23
N ALA E 58 8.96 -39.69 -3.60
CA ALA E 58 9.63 -39.67 -2.32
C ALA E 58 10.70 -40.75 -2.32
N SER E 59 11.89 -40.42 -1.80
CA SER E 59 12.99 -41.37 -1.81
C SER E 59 12.68 -42.59 -0.95
N THR E 60 12.02 -42.37 0.19
CA THR E 60 11.54 -43.42 1.07
C THR E 60 10.06 -43.72 0.77
N ASP E 61 9.15 -42.98 1.39
CA ASP E 61 7.76 -42.87 0.93
C ASP E 61 7.17 -41.55 1.39
N MET E 62 6.13 -41.14 0.71
CA MET E 62 5.59 -39.81 0.87
C MET E 62 5.06 -39.55 2.27
N ASP E 63 4.30 -40.48 2.82
CA ASP E 63 3.74 -40.31 4.17
C ASP E 63 4.83 -40.11 5.23
N ARG E 64 5.93 -40.84 5.11
CA ARG E 64 7.05 -40.69 6.01
C ARG E 64 7.66 -39.28 5.94
N VAL E 65 7.92 -38.79 4.73
CA VAL E 65 8.56 -37.48 4.56
C VAL E 65 7.64 -36.35 5.00
N LEU E 66 6.37 -36.43 4.66
CA LEU E 66 5.40 -35.40 5.06
C LEU E 66 5.17 -35.38 6.56
N LEU E 67 5.16 -36.56 7.19
CA LEU E 67 5.07 -36.62 8.66
C LEU E 67 6.29 -35.98 9.32
N LYS E 68 7.49 -36.27 8.82
CA LYS E 68 8.70 -35.59 9.31
C LYS E 68 8.59 -34.08 9.13
N TYR E 69 8.12 -33.64 7.97
CA TYR E 69 7.89 -32.23 7.69
C TYR E 69 6.99 -31.57 8.75
N THR E 70 5.84 -32.18 9.03
CA THR E 70 4.90 -31.62 10.01
C THR E 70 5.42 -31.64 11.45
N GLU E 71 6.35 -32.53 11.76
CA GLU E 71 6.98 -32.59 13.09
C GLU E 71 8.20 -31.65 13.23
N TYR E 72 8.58 -30.97 12.13
CA TYR E 72 9.72 -30.04 12.05
C TYR E 72 9.26 -28.68 11.52
N ILE F 8 25.34 -46.15 -8.23
CA ILE F 8 25.75 -44.96 -7.44
C ILE F 8 25.65 -45.23 -5.92
N SER F 9 26.65 -44.77 -5.19
CA SER F 9 26.76 -45.08 -3.74
C SER F 9 27.15 -43.84 -2.92
N ARG F 10 27.22 -43.99 -1.61
CA ARG F 10 27.29 -42.90 -0.68
C ARG F 10 28.72 -42.32 -0.48
N ILE F 11 28.82 -40.99 -0.50
CA ILE F 11 30.08 -40.29 -0.28
C ILE F 11 30.47 -40.36 1.19
N LEU F 12 31.58 -41.03 1.45
CA LEU F 12 32.04 -41.25 2.84
C LEU F 12 32.68 -40.03 3.51
N ASP F 13 33.47 -39.23 2.78
CA ASP F 13 34.16 -38.10 3.37
C ASP F 13 33.12 -37.03 3.66
N GLN F 14 33.04 -36.59 4.91
CA GLN F 14 32.00 -35.65 5.33
C GLN F 14 32.12 -34.27 4.66
N ARG F 15 33.32 -33.82 4.35
CA ARG F 15 33.47 -32.51 3.68
C ARG F 15 32.99 -32.61 2.23
N ASN F 16 33.34 -33.72 1.58
CA ASN F 16 32.95 -33.92 0.17
C ASN F 16 31.46 -34.29 0.08
N ARG F 17 30.89 -34.90 1.12
CA ARG F 17 29.44 -35.10 1.20
C ARG F 17 28.69 -33.77 1.28
N GLN F 18 29.14 -32.85 2.12
CA GLN F 18 28.42 -31.59 2.33
C GLN F 18 28.45 -30.68 1.09
N VAL F 19 29.62 -30.58 0.48
CA VAL F 19 29.79 -29.74 -0.71
C VAL F 19 28.94 -30.28 -1.87
N THR F 20 29.00 -31.59 -2.07
CA THR F 20 28.17 -32.28 -3.07
C THR F 20 26.71 -32.12 -2.79
N PHE F 21 26.31 -32.23 -1.53
CA PHE F 21 24.92 -32.01 -1.14
C PHE F 21 24.44 -30.60 -1.52
N THR F 22 25.22 -29.59 -1.13
CA THR F 22 24.86 -28.21 -1.44
C THR F 22 24.75 -27.96 -2.97
N LYS F 23 25.77 -28.40 -3.71
CA LYS F 23 25.77 -28.26 -5.16
C LYS F 23 24.55 -28.91 -5.81
N ARG F 24 24.25 -30.14 -5.42
CA ARG F 24 23.13 -30.89 -6.01
C ARG F 24 21.77 -30.44 -5.51
N LYS F 25 21.68 -29.97 -4.27
CA LYS F 25 20.43 -29.38 -3.76
C LYS F 25 20.08 -28.15 -4.61
N PHE F 26 21.08 -27.31 -4.85
CA PHE F 26 20.88 -26.13 -5.68
C PHE F 26 20.51 -26.51 -7.12
N GLY F 27 21.21 -27.50 -7.68
CA GLY F 27 20.88 -28.06 -8.99
C GLY F 27 19.44 -28.52 -9.09
N LEU F 28 18.94 -29.20 -8.06
CA LEU F 28 17.56 -29.67 -7.99
C LEU F 28 16.56 -28.51 -7.99
N MET F 29 16.84 -27.50 -7.18
CA MET F 29 16.01 -26.30 -7.14
C MET F 29 16.03 -25.53 -8.47
N LYS F 30 17.20 -25.43 -9.08
CA LYS F 30 17.33 -24.79 -10.39
C LYS F 30 16.48 -25.52 -11.44
N LYS F 31 16.56 -26.84 -11.46
CA LYS F 31 15.77 -27.66 -12.40
C LYS F 31 14.28 -27.59 -12.12
N ALA F 32 13.90 -27.50 -10.84
CA ALA F 32 12.51 -27.35 -10.46
C ALA F 32 12.00 -25.98 -10.96
N TYR F 33 12.77 -24.92 -10.71
CA TYR F 33 12.47 -23.60 -11.26
C TYR F 33 12.22 -23.65 -12.78
N GLU F 34 13.16 -24.24 -13.49
CA GLU F 34 13.08 -24.36 -14.96
C GLU F 34 11.83 -25.11 -15.44
N LEU F 35 11.56 -26.26 -14.83
CA LEU F 35 10.35 -27.02 -15.14
C LEU F 35 9.08 -26.21 -14.89
N SER F 36 9.05 -25.48 -13.77
CA SER F 36 7.90 -24.66 -13.42
C SER F 36 7.61 -23.57 -14.45
N VAL F 37 8.65 -22.95 -15.00
CA VAL F 37 8.47 -21.86 -15.96
C VAL F 37 8.22 -22.43 -17.37
N LEU F 38 8.97 -23.45 -17.75
CA LEU F 38 8.85 -24.06 -19.08
C LEU F 38 7.46 -24.70 -19.31
N CYS F 39 7.00 -25.46 -18.30
CA CYS F 39 5.80 -26.27 -18.42
C CYS F 39 4.59 -25.79 -17.59
N ASP F 40 4.69 -24.61 -16.99
CA ASP F 40 3.58 -24.03 -16.21
C ASP F 40 3.15 -24.95 -15.05
N CYS F 41 4.12 -25.33 -14.22
CA CYS F 41 3.93 -26.19 -13.06
C CYS F 41 4.07 -25.46 -11.77
N GLU F 42 3.52 -26.04 -10.72
CA GLU F 42 3.79 -25.67 -9.34
C GLU F 42 4.52 -26.87 -8.74
N ILE F 43 5.69 -26.59 -8.17
CA ILE F 43 6.55 -27.65 -7.64
C ILE F 43 6.97 -27.31 -6.22
N ALA F 44 6.90 -28.31 -5.34
CA ALA F 44 7.49 -28.23 -4.03
C ALA F 44 8.52 -29.35 -3.85
N LEU F 45 9.58 -29.01 -3.12
CA LEU F 45 10.69 -29.91 -2.86
C LEU F 45 11.03 -29.84 -1.37
N ILE F 46 11.03 -31.00 -0.72
CA ILE F 46 11.33 -31.12 0.68
C ILE F 46 12.52 -32.06 0.82
N ILE F 47 13.59 -31.60 1.48
CA ILE F 47 14.82 -32.38 1.64
C ILE F 47 15.24 -32.40 3.10
N PHE F 48 15.37 -33.60 3.66
CA PHE F 48 16.06 -33.78 4.94
C PHE F 48 17.45 -34.31 4.67
N ASN F 49 18.49 -33.60 5.08
CA ASN F 49 19.87 -34.09 4.91
C ASN F 49 20.19 -35.16 5.97
N SER F 50 21.39 -35.72 5.93
CA SER F 50 21.74 -36.82 6.87
C SER F 50 21.77 -36.38 8.33
N ALA F 51 21.98 -35.09 8.60
CA ALA F 51 21.86 -34.54 9.95
C ALA F 51 20.42 -34.13 10.30
N ASN F 52 19.45 -34.54 9.49
CA ASN F 52 18.03 -34.20 9.67
C ASN F 52 17.71 -32.69 9.62
N ARG F 53 18.51 -31.92 8.90
CA ARG F 53 18.19 -30.52 8.65
C ARG F 53 17.21 -30.46 7.47
N LEU F 54 16.18 -29.64 7.63
CA LEU F 54 15.14 -29.47 6.63
C LEU F 54 15.48 -28.34 5.64
N PHE F 55 15.46 -28.66 4.36
CA PHE F 55 15.59 -27.71 3.26
C PHE F 55 14.35 -27.81 2.38
N GLN F 56 13.83 -26.65 1.95
CA GLN F 56 12.63 -26.66 1.13
C GLN F 56 12.71 -25.65 -0.01
N TYR F 57 12.04 -26.01 -1.10
CA TYR F 57 11.82 -25.12 -2.20
C TYR F 57 10.37 -25.23 -2.68
N ALA F 58 9.75 -24.10 -3.04
CA ALA F 58 8.48 -24.11 -3.73
C ALA F 58 8.49 -23.05 -4.83
N SER F 59 7.99 -23.40 -6.01
CA SER F 59 8.02 -22.46 -7.13
C SER F 59 7.18 -21.23 -6.86
N THR F 60 6.03 -21.42 -6.21
CA THR F 60 5.16 -20.34 -5.77
C THR F 60 5.44 -20.02 -4.29
N ASP F 61 4.79 -20.75 -3.38
CA ASP F 61 5.24 -20.83 -1.99
C ASP F 61 4.75 -22.11 -1.37
N MET F 62 5.41 -22.52 -0.31
CA MET F 62 5.20 -23.84 0.26
C MET F 62 3.78 -24.06 0.78
N ASP F 63 3.23 -23.11 1.51
CA ASP F 63 1.86 -23.25 2.03
C ASP F 63 0.83 -23.44 0.93
N ARG F 64 0.99 -22.73 -0.18
CA ARG F 64 0.10 -22.89 -1.33
C ARG F 64 0.17 -24.31 -1.91
N VAL F 65 1.38 -24.83 -2.13
CA VAL F 65 1.55 -26.15 -2.74
C VAL F 65 1.07 -27.26 -1.80
N LEU F 66 1.38 -27.17 -0.53
CA LEU F 66 0.93 -28.17 0.45
C LEU F 66 -0.58 -28.15 0.64
N LEU F 67 -1.20 -26.97 0.59
CA LEU F 67 -2.66 -26.88 0.64
C LEU F 67 -3.29 -27.54 -0.60
N LYS F 68 -2.74 -27.29 -1.77
CA LYS F 68 -3.19 -27.98 -3.00
C LYS F 68 -3.02 -29.49 -2.87
N TYR F 69 -1.90 -29.92 -2.34
CA TYR F 69 -1.65 -31.35 -2.07
C TYR F 69 -2.75 -31.97 -1.21
N THR F 70 -3.09 -31.32 -0.09
CA THR F 70 -4.13 -31.86 0.81
C THR F 70 -5.54 -31.82 0.21
N GLU F 71 -5.78 -30.93 -0.74
CA GLU F 71 -7.06 -30.88 -1.46
C GLU F 71 -7.18 -31.82 -2.66
N TYR F 72 -6.07 -32.31 -3.19
CA TYR F 72 -6.10 -33.13 -4.42
C TYR F 72 -5.80 -34.59 -4.11
N SER F 73 -5.21 -34.83 -2.93
CA SER F 73 -4.57 -36.13 -2.63
C SER F 73 -5.54 -37.16 -2.05
N GLU F 74 -5.25 -38.43 -2.34
CA GLU F 74 -6.24 -39.52 -2.34
C GLU F 74 -6.69 -39.87 -0.95
N THR F 80 -2.14 -38.15 7.09
CA THR F 80 -1.24 -37.19 6.45
C THR F 80 -1.91 -35.83 6.25
N ASN F 81 -2.94 -35.79 5.40
CA ASN F 81 -3.64 -34.52 5.08
C ASN F 81 -4.15 -33.79 6.33
N THR F 82 -4.66 -34.56 7.31
CA THR F 82 -5.10 -34.01 8.59
C THR F 82 -3.98 -33.23 9.30
N ASP F 83 -2.77 -33.78 9.31
CA ASP F 83 -1.63 -33.14 9.99
C ASP F 83 -1.13 -31.93 9.22
N ILE F 84 -1.05 -32.03 7.90
CA ILE F 84 -0.60 -30.92 7.06
C ILE F 84 -1.54 -29.72 7.21
N LEU F 85 -2.85 -29.99 7.15
CA LEU F 85 -3.86 -28.95 7.32
C LEU F 85 -3.79 -28.28 8.69
N GLU F 86 -3.52 -29.08 9.74
CA GLU F 86 -3.31 -28.55 11.09
C GLU F 86 -2.09 -27.62 11.19
N THR F 87 -0.97 -28.05 10.62
CA THR F 87 0.26 -27.22 10.59
C THR F 87 0.03 -25.90 9.86
N LEU F 88 -0.65 -25.97 8.72
CA LEU F 88 -0.97 -24.79 7.93
C LEU F 88 -1.85 -23.77 8.62
N LYS F 89 -2.72 -24.21 9.54
CA LYS F 89 -3.60 -23.31 10.34
C LYS F 89 -3.93 -21.89 9.86
#